data_5IGU
#
_entry.id   5IGU
#
_cell.length_a   67.360
_cell.length_b   114.890
_cell.length_c   92.580
_cell.angle_alpha   90.000
_cell.angle_beta   90.000
_cell.angle_gamma   90.000
#
_symmetry.space_group_name_H-M   'C 2 2 21'
#
loop_
_entity.id
_entity.type
_entity.pdbx_description
1 polymer "Macrolide 2'-phosphotransferase II"
2 water water
#
_entity_poly.entity_id   1
_entity_poly.type   'polypeptide(L)'
_entity_poly.pdbx_seq_one_letter_code
;(MSE)SKDIKQVIEIAKKHNLFLKEETIQFNESGLDFQAVFAQDNNGIDWVLRLPRREDV(MSE)PRTKVEKQALDLVNK
YAISFQAPNWIIYTEELIAYKKLDGVPAGTIDHNIGNYIWEIDINNVPELFHKSLGRVLAELHSIPSNKAAALDLVVHTP
EEAR(MSE)S(MSE)KQR(MSE)DAVRAKFGVGENLWNRWQAWLNDDD(MSE)WPKKTGLIHGDVHAGHT(MSE)IDKDA
NVTGLIDWTEAKVTDVSHDFIFNYRAFGEEGLEALILAYKEIGGYYWPK(MSE)KEHIIELNAAYPVSIAEFALVSGIEE
YEQ(MSE)AKEALEVQGS
;
_entity_poly.pdbx_strand_id   A
#
# COMPACT_ATOMS: atom_id res chain seq x y z
N ASP A 32 15.22 -10.50 -7.36
CA ASP A 32 16.16 -9.74 -6.54
C ASP A 32 16.52 -10.47 -5.23
N PHE A 33 15.77 -11.52 -4.89
CA PHE A 33 16.01 -12.31 -3.68
C PHE A 33 15.28 -13.65 -3.70
N GLN A 34 15.90 -14.67 -3.11
CA GLN A 34 15.24 -15.96 -2.83
C GLN A 34 14.69 -15.94 -1.41
N ALA A 35 13.49 -16.50 -1.22
CA ALA A 35 12.90 -16.54 0.12
C ALA A 35 12.99 -17.94 0.70
N VAL A 36 13.32 -18.01 1.98
CA VAL A 36 13.49 -19.29 2.65
C VAL A 36 12.76 -19.29 3.99
N PHE A 37 11.85 -20.22 4.18
CA PHE A 37 11.21 -20.37 5.47
C PHE A 37 12.07 -21.31 6.27
N ALA A 38 12.02 -21.20 7.60
CA ALA A 38 12.70 -22.16 8.46
C ALA A 38 12.26 -22.03 9.90
N GLN A 39 12.89 -22.82 10.77
CA GLN A 39 12.60 -22.72 12.19
C GLN A 39 13.87 -22.58 13.03
N ASP A 40 13.75 -21.79 14.10
CA ASP A 40 14.82 -21.60 15.06
C ASP A 40 15.00 -22.88 15.81
N ASN A 41 16.13 -23.00 16.51
CA ASN A 41 16.29 -24.06 17.48
C ASN A 41 15.20 -23.96 18.53
N ASN A 42 14.91 -22.74 18.93
CA ASN A 42 13.91 -22.49 19.97
C ASN A 42 12.47 -22.61 19.45
N GLY A 43 12.33 -23.06 18.21
CA GLY A 43 11.01 -23.31 17.64
C GLY A 43 10.36 -22.14 16.96
N ILE A 44 11.06 -21.01 16.85
CA ILE A 44 10.53 -19.81 16.22
C ILE A 44 10.62 -19.86 14.68
N ASP A 45 9.52 -19.56 14.00
CA ASP A 45 9.53 -19.54 12.54
C ASP A 45 10.22 -18.29 11.99
N TRP A 46 11.00 -18.44 10.93
CA TRP A 46 11.75 -17.33 10.36
C TRP A 46 11.65 -17.29 8.85
N VAL A 47 11.89 -16.08 8.34
CA VAL A 47 12.01 -15.84 6.91
C VAL A 47 13.40 -15.29 6.65
N LEU A 48 14.08 -15.90 5.69
CA LEU A 48 15.41 -15.46 5.29
C LEU A 48 15.37 -15.02 3.85
N ARG A 49 15.88 -13.83 3.59
CA ARG A 49 16.01 -13.33 2.23
C ARG A 49 17.46 -13.50 1.78
N LEU A 50 17.66 -14.33 0.78
CA LEU A 50 18.96 -14.54 0.15
C LEU A 50 19.08 -13.58 -1.02
N PRO A 51 20.07 -12.69 -0.97
CA PRO A 51 20.14 -11.69 -2.04
C PRO A 51 20.63 -12.30 -3.36
N ARG A 52 20.01 -11.91 -4.48
CA ARG A 52 20.44 -12.39 -5.79
C ARG A 52 21.20 -11.31 -6.57
N ARG A 53 21.35 -10.13 -5.95
CA ARG A 53 22.01 -9.00 -6.58
C ARG A 53 22.95 -8.25 -5.62
N GLU A 54 24.08 -7.75 -6.12
CA GLU A 54 25.12 -7.16 -5.29
C GLU A 54 24.83 -5.74 -4.78
N ASP A 55 23.60 -5.26 -4.98
CA ASP A 55 23.23 -3.93 -4.51
C ASP A 55 22.03 -3.93 -3.56
N VAL A 56 21.88 -4.97 -2.75
CA VAL A 56 20.74 -5.08 -1.84
C VAL A 56 20.65 -3.92 -0.85
N PRO A 58 21.76 -0.49 -0.62
CA PRO A 58 21.13 0.80 -0.90
C PRO A 58 19.74 0.61 -1.51
N ARG A 59 19.49 -0.56 -2.07
CA ARG A 59 18.18 -0.84 -2.67
C ARG A 59 17.11 -1.27 -1.66
N THR A 60 17.49 -1.43 -0.39
CA THR A 60 16.56 -1.86 0.66
C THR A 60 16.56 -0.90 1.85
N LYS A 61 17.49 0.04 1.84
CA LYS A 61 17.64 1.00 2.94
C LYS A 61 16.34 1.68 3.37
N VAL A 62 15.57 2.14 2.38
CA VAL A 62 14.31 2.80 2.66
C VAL A 62 13.32 1.86 3.34
N GLU A 63 13.13 0.67 2.77
CA GLU A 63 12.22 -0.31 3.33
C GLU A 63 12.63 -0.62 4.76
N LYS A 64 13.92 -0.80 4.97
CA LYS A 64 14.42 -1.13 6.30
C LYS A 64 14.10 0.00 7.25
N GLN A 65 14.25 1.23 6.78
CA GLN A 65 14.01 2.38 7.65
C GLN A 65 12.54 2.46 8.01
N ALA A 66 11.69 2.25 7.01
CA ALA A 66 10.24 2.28 7.19
C ALA A 66 9.80 1.19 8.19
N LEU A 67 10.35 -0.02 8.03
CA LEU A 67 10.03 -1.16 8.87
C LEU A 67 10.45 -0.89 10.30
N ASP A 68 11.62 -0.27 10.46
CA ASP A 68 12.15 0.08 11.77
C ASP A 68 11.24 1.09 12.47
N LEU A 69 10.78 2.08 11.68
CA LEU A 69 9.84 3.08 12.14
C LEU A 69 8.51 2.46 12.61
N VAL A 70 7.91 1.69 11.71
CA VAL A 70 6.63 1.07 11.99
C VAL A 70 6.72 0.14 13.19
N ASN A 71 7.83 -0.59 13.33
CA ASN A 71 7.97 -1.48 14.48
C ASN A 71 8.15 -0.67 15.77
N LYS A 72 8.81 0.47 15.66
CA LYS A 72 8.99 1.31 16.85
C LYS A 72 7.65 1.79 17.38
N TYR A 73 6.76 2.22 16.50
CA TYR A 73 5.53 2.89 16.96
C TYR A 73 4.24 2.08 16.96
N ALA A 74 4.14 1.06 16.11
CA ALA A 74 2.88 0.33 16.03
C ALA A 74 2.73 -0.73 17.12
N ILE A 75 1.54 -0.84 17.69
CA ILE A 75 1.33 -1.90 18.67
C ILE A 75 0.09 -2.76 18.37
N SER A 76 -0.72 -2.34 17.40
CA SER A 76 -1.94 -3.07 17.12
C SER A 76 -1.85 -3.93 15.85
N PHE A 77 -0.66 -3.96 15.23
CA PHE A 77 -0.43 -4.85 14.08
C PHE A 77 1.07 -5.11 13.96
N GLN A 78 1.46 -6.17 13.24
CA GLN A 78 2.86 -6.52 13.07
C GLN A 78 3.38 -6.04 11.71
N ALA A 79 4.68 -5.81 11.62
CA ALA A 79 5.32 -5.59 10.34
C ALA A 79 6.63 -6.34 10.42
N PRO A 80 7.12 -6.92 9.31
CA PRO A 80 8.40 -7.65 9.39
C PRO A 80 9.48 -6.79 10.06
N ASN A 81 10.17 -7.36 11.03
CA ASN A 81 11.20 -6.64 11.73
C ASN A 81 12.59 -7.19 11.38
N TRP A 82 13.29 -6.50 10.50
CA TRP A 82 14.56 -7.03 9.99
C TRP A 82 15.67 -6.96 11.01
N ILE A 83 15.65 -7.88 11.98
CA ILE A 83 16.67 -7.95 13.03
C ILE A 83 17.99 -8.56 12.55
N ILE A 84 18.01 -9.03 11.31
CA ILE A 84 19.26 -9.37 10.63
C ILE A 84 19.27 -8.65 9.29
N TYR A 85 20.19 -7.71 9.13
CA TYR A 85 20.23 -6.85 7.96
C TYR A 85 21.66 -6.68 7.44
N THR A 86 22.06 -7.55 6.52
CA THR A 86 23.36 -7.42 5.86
C THR A 86 23.26 -7.82 4.39
N GLU A 87 24.35 -7.58 3.66
CA GLU A 87 24.44 -7.97 2.26
C GLU A 87 24.36 -9.47 2.12
N GLU A 88 24.89 -10.18 3.11
CA GLU A 88 24.86 -11.62 3.10
C GLU A 88 23.43 -12.09 3.28
N LEU A 89 22.71 -11.40 4.15
CA LEU A 89 21.46 -11.94 4.67
C LEU A 89 20.54 -10.87 5.24
N ILE A 90 19.26 -10.98 4.91
CA ILE A 90 18.21 -10.22 5.58
C ILE A 90 17.25 -11.25 6.12
N ALA A 91 16.99 -11.20 7.42
CA ALA A 91 16.14 -12.20 8.07
C ALA A 91 15.23 -11.60 9.14
N TYR A 92 14.01 -12.12 9.23
CA TYR A 92 13.10 -11.65 10.26
C TYR A 92 12.20 -12.77 10.76
N LYS A 93 11.68 -12.62 11.97
CA LYS A 93 10.74 -13.59 12.48
C LYS A 93 9.47 -13.51 11.67
N LYS A 94 9.01 -14.68 11.25
CA LYS A 94 7.79 -14.85 10.48
C LYS A 94 6.60 -14.18 11.19
N LEU A 95 5.76 -13.44 10.45
CA LEU A 95 4.59 -12.81 11.08
C LEU A 95 3.53 -13.86 11.45
N ASP A 96 2.62 -13.50 12.36
CA ASP A 96 1.46 -14.34 12.65
C ASP A 96 0.46 -14.33 11.49
N GLY A 97 -0.46 -15.28 11.49
CA GLY A 97 -1.57 -15.30 10.55
C GLY A 97 -1.25 -15.79 9.15
N VAL A 98 -2.20 -15.58 8.25
CA VAL A 98 -2.05 -15.98 6.86
C VAL A 98 -2.42 -14.80 5.99
N PRO A 99 -1.83 -14.71 4.78
CA PRO A 99 -2.28 -13.61 3.90
C PRO A 99 -3.76 -13.79 3.57
N ALA A 100 -4.51 -12.70 3.48
CA ALA A 100 -5.91 -12.79 3.08
C ALA A 100 -6.07 -13.24 1.61
N GLY A 101 -7.16 -13.91 1.29
CA GLY A 101 -7.33 -14.38 -0.09
C GLY A 101 -6.52 -15.60 -0.53
N THR A 102 -6.30 -15.73 -1.85
CA THR A 102 -5.75 -16.96 -2.44
C THR A 102 -4.27 -17.24 -2.12
N ILE A 103 -3.93 -18.53 -2.05
CA ILE A 103 -2.55 -18.94 -1.82
C ILE A 103 -1.96 -19.64 -3.06
N GLY A 108 -2.76 -28.14 -4.19
CA GLY A 108 -3.90 -27.98 -5.09
C GLY A 108 -4.56 -26.60 -5.08
N ASN A 109 -5.90 -26.59 -5.05
CA ASN A 109 -6.70 -25.35 -5.00
C ASN A 109 -7.56 -25.31 -3.72
N TYR A 110 -6.91 -25.17 -2.56
CA TYR A 110 -7.61 -25.26 -1.28
C TYR A 110 -8.10 -23.93 -0.76
N ILE A 111 -7.25 -22.91 -0.81
CA ILE A 111 -7.59 -21.64 -0.18
C ILE A 111 -7.89 -20.62 -1.25
N TRP A 112 -9.02 -19.93 -1.11
CA TRP A 112 -9.55 -19.12 -2.20
C TRP A 112 -9.50 -17.64 -1.89
N GLU A 113 -9.80 -16.83 -2.91
CA GLU A 113 -9.87 -15.37 -2.70
C GLU A 113 -11.06 -15.06 -1.79
N ILE A 114 -10.99 -13.92 -1.12
CA ILE A 114 -12.08 -13.45 -0.27
C ILE A 114 -13.41 -13.42 -1.01
N ASP A 115 -14.47 -13.86 -0.35
CA ASP A 115 -15.81 -13.95 -0.95
C ASP A 115 -16.54 -12.62 -0.72
N ILE A 116 -16.68 -11.80 -1.75
CA ILE A 116 -17.26 -10.46 -1.57
C ILE A 116 -18.73 -10.52 -1.16
N ASN A 117 -19.37 -11.66 -1.34
CA ASN A 117 -20.75 -11.82 -0.90
C ASN A 117 -20.83 -12.07 0.60
N ASN A 118 -19.69 -12.37 1.21
CA ASN A 118 -19.65 -12.76 2.61
C ASN A 118 -18.37 -12.27 3.27
N VAL A 119 -18.11 -10.97 3.21
CA VAL A 119 -16.95 -10.43 3.93
C VAL A 119 -17.22 -10.31 5.43
N PRO A 120 -16.38 -10.92 6.25
CA PRO A 120 -16.59 -10.75 7.71
C PRO A 120 -16.42 -9.28 8.09
N GLU A 121 -17.32 -8.70 8.87
CA GLU A 121 -17.22 -7.27 9.26
C GLU A 121 -15.93 -6.88 9.97
N LEU A 122 -15.42 -7.85 10.72
CA LEU A 122 -14.16 -7.64 11.45
C LEU A 122 -13.05 -7.28 10.48
N PHE A 123 -13.18 -7.71 9.23
CA PHE A 123 -12.14 -7.38 8.27
C PHE A 123 -11.98 -5.88 8.03
N HIS A 124 -13.08 -5.23 7.67
CA HIS A 124 -13.01 -3.78 7.41
C HIS A 124 -12.72 -3.05 8.71
N LYS A 125 -13.32 -3.51 9.80
CA LYS A 125 -13.14 -2.81 11.08
C LYS A 125 -11.67 -2.82 11.47
N SER A 126 -11.04 -3.99 11.33
CA SER A 126 -9.65 -4.15 11.77
C SER A 126 -8.69 -3.49 10.83
N LEU A 127 -8.96 -3.58 9.52
CA LEU A 127 -8.11 -2.83 8.58
C LEU A 127 -8.21 -1.34 8.89
N GLY A 128 -9.39 -0.86 9.27
CA GLY A 128 -9.53 0.54 9.63
C GLY A 128 -8.67 0.86 10.85
N ARG A 129 -8.67 -0.03 11.83
CA ARG A 129 -7.84 0.18 13.02
C ARG A 129 -6.35 0.25 12.66
N VAL A 130 -5.92 -0.69 11.84
CA VAL A 130 -4.53 -0.77 11.40
C VAL A 130 -4.09 0.44 10.59
N LEU A 131 -4.84 0.79 9.54
CA LEU A 131 -4.52 2.00 8.76
C LEU A 131 -4.53 3.24 9.64
N ALA A 132 -5.51 3.36 10.53
CA ALA A 132 -5.51 4.53 11.42
C ALA A 132 -4.25 4.64 12.29
N GLU A 133 -3.83 3.50 12.86
CA GLU A 133 -2.59 3.54 13.65
C GLU A 133 -1.39 3.91 12.78
N LEU A 134 -1.22 3.20 11.68
CA LEU A 134 -0.12 3.44 10.74
C LEU A 134 -0.08 4.91 10.27
N HIS A 135 -1.23 5.44 9.85
CA HIS A 135 -1.31 6.79 9.32
C HIS A 135 -1.09 7.84 10.40
N SER A 136 -1.19 7.44 11.67
CA SER A 136 -0.91 8.36 12.77
C SER A 136 0.54 8.36 13.22
N ILE A 137 1.39 7.53 12.66
CA ILE A 137 2.79 7.51 13.14
C ILE A 137 3.48 8.85 12.79
N PRO A 138 4.17 9.45 13.77
CA PRO A 138 4.76 10.79 13.66
C PRO A 138 5.59 11.04 12.38
N SER A 139 5.14 11.99 11.57
CA SER A 139 5.79 12.33 10.29
C SER A 139 7.23 12.85 10.40
N ASN A 140 7.54 13.56 11.48
CA ASN A 140 8.89 14.10 11.69
C ASN A 140 9.91 12.97 11.81
N LYS A 141 9.45 11.85 12.38
CA LYS A 141 10.29 10.67 12.51
C LYS A 141 10.62 10.10 11.13
N ALA A 142 9.69 10.27 10.19
CA ALA A 142 9.93 9.83 8.82
C ALA A 142 10.86 10.82 8.12
N ALA A 143 10.68 12.11 8.43
CA ALA A 143 11.42 13.18 7.76
C ALA A 143 12.91 13.09 8.08
N ALA A 144 13.20 12.67 9.31
CA ALA A 144 14.57 12.38 9.75
C ALA A 144 15.23 11.24 8.96
N LEU A 145 14.43 10.32 8.43
CA LEU A 145 14.96 9.21 7.63
C LEU A 145 15.00 9.56 6.13
N ASP A 146 15.19 8.56 5.29
CA ASP A 146 15.29 8.77 3.84
C ASP A 146 13.98 8.46 3.12
N LEU A 147 12.88 8.41 3.86
CA LEU A 147 11.59 8.18 3.24
C LEU A 147 11.15 9.44 2.52
N VAL A 148 10.41 9.26 1.45
CA VAL A 148 9.71 10.36 0.81
C VAL A 148 8.62 10.91 1.76
N VAL A 149 8.62 12.21 1.98
CA VAL A 149 7.65 12.87 2.84
C VAL A 149 6.99 14.03 2.08
N HIS A 150 5.72 13.89 1.73
CA HIS A 150 4.95 14.93 1.04
C HIS A 150 4.08 15.70 2.04
N THR A 151 4.13 17.03 2.03
CA THR A 151 3.04 17.81 2.61
C THR A 151 1.81 17.55 1.71
N PRO A 152 0.62 17.98 2.13
CA PRO A 152 -0.55 17.77 1.25
C PRO A 152 -0.43 18.43 -0.13
N GLU A 153 0.20 19.60 -0.13
CA GLU A 153 0.39 20.36 -1.37
C GLU A 153 1.34 19.60 -2.29
N GLU A 154 2.41 19.03 -1.72
CA GLU A 154 3.33 18.18 -2.52
C GLU A 154 2.71 16.91 -3.07
N ALA A 155 1.74 16.34 -2.35
CA ALA A 155 1.06 15.13 -2.85
C ALA A 155 0.23 15.53 -4.07
N ARG A 156 -0.49 16.63 -3.93
CA ARG A 156 -1.30 17.10 -5.05
C ARG A 156 -0.43 17.39 -6.28
N SER A 158 2.50 16.23 -6.94
CA SER A 158 3.02 14.96 -7.41
C SER A 158 2.07 14.31 -8.40
N LYS A 160 -0.23 15.84 -10.16
CA LYS A 160 -0.28 16.66 -11.38
C LYS A 160 0.86 16.33 -12.36
N GLN A 161 2.05 16.19 -11.79
CA GLN A 161 3.25 15.96 -12.60
C GLN A 161 3.29 14.56 -13.21
N ARG A 162 2.84 13.58 -12.43
CA ARG A 162 2.81 12.24 -12.96
C ARG A 162 1.81 12.16 -14.11
N ASP A 164 1.00 14.60 -16.12
CA ASP A 164 1.61 15.33 -17.24
C ASP A 164 2.67 14.48 -17.93
N ALA A 165 3.50 13.79 -17.14
CA ALA A 165 4.61 13.00 -17.68
C ALA A 165 4.01 11.88 -18.54
N VAL A 166 3.03 11.20 -17.96
CA VAL A 166 2.39 10.09 -18.66
C VAL A 166 1.76 10.55 -19.97
N ARG A 167 1.13 11.70 -19.91
CA ARG A 167 0.46 12.25 -21.07
C ARG A 167 1.47 12.62 -22.15
N ALA A 168 2.61 13.20 -21.76
CA ALA A 168 3.64 13.53 -22.74
C ALA A 168 4.13 12.25 -23.43
N LYS A 169 4.24 11.14 -22.70
CA LYS A 169 4.71 9.91 -23.33
C LYS A 169 3.66 9.19 -24.20
N PHE A 170 2.41 9.13 -23.74
CA PHE A 170 1.39 8.31 -24.38
C PHE A 170 0.18 9.08 -24.90
N GLY A 171 -0.04 10.29 -24.40
CA GLY A 171 -1.29 10.97 -24.63
C GLY A 171 -2.34 10.40 -23.69
N VAL A 172 -3.50 11.05 -23.61
CA VAL A 172 -4.59 10.61 -22.75
C VAL A 172 -5.89 10.97 -23.47
N GLY A 173 -6.89 10.10 -23.42
CA GLY A 173 -8.14 10.39 -24.11
C GLY A 173 -8.77 11.63 -23.50
N GLU A 174 -9.58 12.33 -24.28
CA GLU A 174 -10.06 13.64 -23.85
C GLU A 174 -10.93 13.57 -22.61
N ASN A 175 -11.87 12.63 -22.58
CA ASN A 175 -12.77 12.54 -21.44
C ASN A 175 -12.04 12.14 -20.17
N LEU A 176 -11.12 11.19 -20.29
CA LEU A 176 -10.33 10.75 -19.15
C LEU A 176 -9.48 11.89 -18.60
N TRP A 177 -8.78 12.57 -19.51
CA TRP A 177 -7.96 13.72 -19.11
C TRP A 177 -8.80 14.78 -18.41
N ASN A 178 -9.96 15.13 -18.99
CA ASN A 178 -10.85 16.11 -18.37
C ASN A 178 -11.32 15.70 -16.98
N ARG A 179 -11.65 14.41 -16.81
CA ARG A 179 -12.01 13.91 -15.49
C ARG A 179 -10.88 14.10 -14.47
N TRP A 180 -9.68 13.74 -14.89
CA TRP A 180 -8.51 13.91 -14.02
C TRP A 180 -8.35 15.37 -13.63
N GLN A 181 -8.36 16.25 -14.63
CA GLN A 181 -8.12 17.66 -14.36
C GLN A 181 -9.19 18.23 -13.44
N ALA A 182 -10.43 17.82 -13.66
CA ALA A 182 -11.52 18.27 -12.81
C ALA A 182 -11.25 17.86 -11.36
N TRP A 183 -10.73 16.64 -11.16
CA TRP A 183 -10.39 16.19 -9.79
C TRP A 183 -9.23 16.98 -9.18
N LEU A 184 -8.15 17.07 -9.95
CA LEU A 184 -6.92 17.76 -9.55
C LEU A 184 -7.21 19.17 -9.08
N ASN A 185 -8.10 19.85 -9.79
CA ASN A 185 -8.35 21.27 -9.56
C ASN A 185 -9.43 21.51 -8.52
N ASP A 186 -9.98 20.44 -7.94
CA ASP A 186 -11.10 20.57 -7.01
C ASP A 186 -10.62 20.59 -5.56
N ASP A 187 -10.46 21.77 -5.01
CA ASP A 187 -9.94 21.96 -3.65
C ASP A 187 -10.69 21.18 -2.58
N ASP A 188 -12.00 21.01 -2.72
CA ASP A 188 -12.78 20.31 -1.69
C ASP A 188 -12.48 18.82 -1.62
N TRP A 190 -9.37 17.38 -2.08
CA TRP A 190 -8.03 17.02 -1.61
C TRP A 190 -7.89 17.07 -0.09
N PRO A 191 -7.24 16.05 0.48
CA PRO A 191 -6.98 15.99 1.92
C PRO A 191 -6.09 17.15 2.35
N LYS A 192 -6.26 17.62 3.59
CA LYS A 192 -5.40 18.67 4.14
C LYS A 192 -4.36 18.16 5.15
N LYS A 193 -4.10 16.86 5.15
CA LYS A 193 -3.12 16.26 6.03
C LYS A 193 -2.56 15.07 5.26
N THR A 194 -1.28 14.76 5.47
CA THR A 194 -0.71 13.55 4.87
C THR A 194 -0.23 12.67 6.02
N GLY A 195 0.01 11.38 5.75
CA GLY A 195 0.52 10.50 6.79
C GLY A 195 1.39 9.38 6.23
N LEU A 196 2.04 8.64 7.13
CA LEU A 196 2.81 7.46 6.74
C LEU A 196 1.89 6.36 6.23
N ILE A 197 2.05 5.99 4.97
CA ILE A 197 1.19 4.97 4.39
C ILE A 197 1.97 3.69 4.12
N HIS A 198 1.25 2.62 3.90
CA HIS A 198 1.87 1.38 3.51
C HIS A 198 2.20 1.43 1.99
N GLY A 199 1.23 1.86 1.19
CA GLY A 199 1.45 2.07 -0.25
C GLY A 199 1.32 0.86 -1.16
N ASP A 200 1.11 -0.33 -0.61
CA ASP A 200 0.99 -1.52 -1.45
C ASP A 200 0.02 -2.48 -0.76
N VAL A 201 -1.07 -1.89 -0.29
CA VAL A 201 -2.09 -2.65 0.37
C VAL A 201 -2.90 -3.44 -0.61
N HIS A 202 -2.91 -4.77 -0.46
CA HIS A 202 -3.71 -5.68 -1.26
C HIS A 202 -4.02 -6.85 -0.31
N ALA A 203 -4.93 -7.73 -0.72
CA ALA A 203 -5.27 -8.91 0.10
C ALA A 203 -4.05 -9.76 0.40
N GLY A 204 -3.18 -9.88 -0.59
CA GLY A 204 -2.00 -10.71 -0.45
C GLY A 204 -0.98 -10.13 0.51
N HIS A 205 -1.12 -8.85 0.83
CA HIS A 205 -0.16 -8.21 1.72
C HIS A 205 -0.74 -7.98 3.12
N THR A 206 -1.93 -8.54 3.36
CA THR A 206 -2.64 -8.34 4.64
C THR A 206 -2.66 -9.65 5.42
N ILE A 208 -4.04 -11.92 8.31
CA ILE A 208 -5.26 -12.07 9.14
C ILE A 208 -5.26 -13.29 10.04
N ASP A 209 -6.04 -13.23 11.14
CA ASP A 209 -6.22 -14.40 12.02
C ASP A 209 -7.44 -15.19 11.59
N LYS A 210 -7.87 -16.16 12.41
CA LYS A 210 -9.00 -17.03 12.05
C LYS A 210 -10.32 -16.27 11.87
N ASP A 211 -10.40 -15.06 12.41
CA ASP A 211 -11.66 -14.33 12.37
C ASP A 211 -11.61 -13.25 11.31
N ALA A 212 -10.52 -13.25 10.54
CA ALA A 212 -10.27 -12.26 9.50
C ALA A 212 -10.04 -10.89 10.08
N ASN A 213 -9.54 -10.87 11.30
CA ASN A 213 -9.04 -9.64 11.92
C ASN A 213 -7.62 -9.46 11.39
N VAL A 214 -7.35 -8.28 10.85
CA VAL A 214 -6.03 -8.02 10.33
C VAL A 214 -5.06 -7.94 11.47
N THR A 215 -3.98 -8.71 11.38
CA THR A 215 -2.99 -8.70 12.46
C THR A 215 -1.63 -8.17 11.99
N GLY A 216 -1.42 -8.03 10.68
CA GLY A 216 -0.13 -7.48 10.25
C GLY A 216 -0.13 -7.12 8.79
N LEU A 217 0.89 -6.41 8.33
CA LEU A 217 1.01 -6.14 6.90
C LEU A 217 2.44 -6.44 6.44
N ILE A 218 2.59 -6.91 5.19
CA ILE A 218 3.91 -7.21 4.65
C ILE A 218 4.16 -6.41 3.37
N ASP A 219 5.42 -6.44 2.90
CA ASP A 219 5.79 -5.79 1.64
C ASP A 219 5.64 -4.27 1.78
N TRP A 220 6.65 -3.65 2.39
CA TRP A 220 6.58 -2.24 2.73
C TRP A 220 7.46 -1.36 1.84
N THR A 221 7.73 -1.82 0.62
CA THR A 221 8.62 -1.07 -0.29
C THR A 221 8.07 0.27 -0.74
N GLU A 222 6.76 0.46 -0.68
CA GLU A 222 6.18 1.73 -1.14
C GLU A 222 5.90 2.69 0.01
N ALA A 223 6.30 2.33 1.23
CA ALA A 223 6.02 3.18 2.41
C ALA A 223 6.59 4.56 2.25
N LYS A 224 5.79 5.57 2.56
CA LYS A 224 6.22 6.97 2.45
C LYS A 224 5.18 7.81 3.15
N VAL A 225 5.46 9.08 3.38
CA VAL A 225 4.43 9.94 3.94
C VAL A 225 3.74 10.67 2.81
N THR A 226 2.45 10.41 2.60
CA THR A 226 1.74 11.05 1.49
C THR A 226 0.23 11.04 1.74
N ASP A 227 -0.56 11.30 0.68
CA ASP A 227 -2.01 11.16 0.74
C ASP A 227 -2.36 9.76 1.27
N VAL A 228 -3.08 9.65 2.39
CA VAL A 228 -3.37 8.31 2.93
C VAL A 228 -4.34 7.53 2.06
N SER A 229 -4.94 8.23 1.10
CA SER A 229 -6.00 7.62 0.28
C SER A 229 -5.53 6.40 -0.50
N HIS A 230 -4.25 6.35 -0.82
CA HIS A 230 -3.73 5.18 -1.54
C HIS A 230 -4.11 3.89 -0.81
N ASP A 231 -4.06 3.92 0.53
CA ASP A 231 -4.27 2.66 1.25
C ASP A 231 -5.74 2.22 1.28
N PHE A 232 -6.62 3.00 0.66
CA PHE A 232 -8.03 2.63 0.60
C PHE A 232 -8.42 2.06 -0.76
N ILE A 233 -7.53 2.20 -1.74
CA ILE A 233 -7.85 1.77 -3.11
C ILE A 233 -8.23 0.28 -3.19
N PHE A 234 -7.44 -0.59 -2.55
CA PHE A 234 -7.78 -2.00 -2.46
C PHE A 234 -9.26 -2.25 -2.12
N ASN A 235 -9.76 -1.55 -1.10
CA ASN A 235 -11.10 -1.92 -0.63
C ASN A 235 -12.11 -1.57 -1.68
N TYR A 236 -11.84 -0.45 -2.35
CA TYR A 236 -12.75 0.00 -3.39
C TYR A 236 -12.75 -1.01 -4.53
N ARG A 237 -11.56 -1.48 -4.89
CA ARG A 237 -11.46 -2.25 -6.15
C ARG A 237 -11.96 -3.68 -5.94
N ALA A 238 -11.64 -4.23 -4.78
CA ALA A 238 -12.01 -5.63 -4.46
C ALA A 238 -13.44 -5.75 -3.92
N PHE A 239 -13.92 -4.71 -3.22
CA PHE A 239 -15.20 -4.84 -2.51
C PHE A 239 -16.20 -3.79 -2.92
N GLY A 240 -15.86 -2.96 -3.88
CA GLY A 240 -16.82 -1.98 -4.35
C GLY A 240 -17.07 -0.84 -3.37
N GLU A 241 -18.02 0.01 -3.76
CA GLU A 241 -18.38 1.17 -2.98
C GLU A 241 -18.71 0.77 -1.53
N GLU A 242 -19.47 -0.32 -1.36
CA GLU A 242 -19.85 -0.78 -0.02
C GLU A 242 -18.64 -1.06 0.86
N GLY A 243 -17.67 -1.78 0.30
CA GLY A 243 -16.51 -2.14 1.08
C GLY A 243 -15.73 -0.87 1.39
N LEU A 244 -15.71 0.05 0.43
CA LEU A 244 -14.90 1.25 0.65
C LEU A 244 -15.56 1.97 1.80
N GLU A 245 -16.89 2.04 1.74
CA GLU A 245 -17.58 2.83 2.76
C GLU A 245 -17.35 2.17 4.11
N ALA A 246 -17.35 0.82 4.13
CA ALA A 246 -17.22 0.16 5.42
C ALA A 246 -15.87 0.56 6.02
N LEU A 247 -14.84 0.56 5.17
CA LEU A 247 -13.49 0.83 5.65
C LEU A 247 -13.43 2.29 6.15
N ILE A 248 -14.03 3.21 5.38
CA ILE A 248 -13.96 4.61 5.75
C ILE A 248 -14.65 4.77 7.09
N LEU A 249 -15.76 4.06 7.25
CA LEU A 249 -16.54 4.25 8.47
C LEU A 249 -15.66 3.82 9.63
N ALA A 250 -15.03 2.66 9.50
CA ALA A 250 -14.27 2.16 10.63
C ALA A 250 -13.16 3.15 10.94
N TYR A 251 -12.51 3.62 9.87
CA TYR A 251 -11.31 4.44 10.01
C TYR A 251 -11.70 5.72 10.71
N LYS A 252 -12.86 6.25 10.31
CA LYS A 252 -13.28 7.55 10.82
C LYS A 252 -13.60 7.32 12.30
N GLU A 253 -14.26 6.19 12.62
CA GLU A 253 -14.78 6.04 13.97
C GLU A 253 -13.66 5.85 14.99
N ILE A 254 -12.56 5.26 14.54
CA ILE A 254 -11.46 4.95 15.46
C ILE A 254 -10.51 6.13 15.54
N GLY A 255 -10.84 7.21 14.83
CA GLY A 255 -10.11 8.46 15.00
C GLY A 255 -9.19 8.84 13.84
N GLY A 256 -9.21 8.10 12.72
CA GLY A 256 -8.33 8.45 11.62
C GLY A 256 -8.74 9.77 10.97
N TYR A 257 -7.81 10.43 10.27
CA TYR A 257 -8.13 11.71 9.61
C TYR A 257 -9.28 11.57 8.60
N TYR A 258 -10.33 12.36 8.77
CA TYR A 258 -11.48 12.25 7.85
C TYR A 258 -11.80 13.63 7.27
N TRP A 259 -12.22 13.67 6.01
CA TRP A 259 -12.75 14.91 5.43
C TRP A 259 -13.99 14.56 4.58
N PRO A 260 -14.90 15.53 4.43
CA PRO A 260 -16.22 15.16 3.86
C PRO A 260 -16.22 14.54 2.46
N LYS A 261 -15.22 14.82 1.64
CA LYS A 261 -15.20 14.31 0.28
C LYS A 261 -14.26 13.14 0.11
N LYS A 263 -14.42 9.86 0.26
CA LYS A 263 -14.82 8.72 -0.52
C LYS A 263 -14.74 9.05 -2.03
N GLU A 264 -15.28 10.21 -2.39
CA GLU A 264 -15.24 10.73 -3.75
C GLU A 264 -13.78 10.87 -4.22
N HIS A 265 -12.94 11.42 -3.36
CA HIS A 265 -11.51 11.56 -3.64
C HIS A 265 -10.86 10.21 -3.91
N ILE A 266 -11.12 9.22 -3.05
CA ILE A 266 -10.55 7.89 -3.25
C ILE A 266 -11.00 7.33 -4.61
N ILE A 267 -12.27 7.54 -4.96
CA ILE A 267 -12.77 7.04 -6.24
C ILE A 267 -12.10 7.73 -7.46
N GLU A 268 -11.86 9.05 -7.37
CA GLU A 268 -11.10 9.71 -8.44
C GLU A 268 -9.65 9.23 -8.51
N LEU A 269 -9.05 9.01 -7.35
CA LEU A 269 -7.71 8.48 -7.29
C LEU A 269 -7.72 7.11 -7.99
N ASN A 270 -8.77 6.32 -7.76
CA ASN A 270 -8.87 5.03 -8.44
C ASN A 270 -8.94 5.24 -9.96
N ALA A 271 -9.75 6.22 -10.39
CA ALA A 271 -9.86 6.60 -11.80
C ALA A 271 -8.53 7.06 -12.42
N ALA A 272 -7.53 7.30 -11.57
CA ALA A 272 -6.20 7.68 -12.05
C ALA A 272 -5.19 6.50 -12.13
N TYR A 273 -5.64 5.30 -11.82
CA TYR A 273 -4.87 4.07 -12.05
C TYR A 273 -4.11 3.97 -13.41
N PRO A 274 -4.74 4.37 -14.55
CA PRO A 274 -3.95 4.26 -15.77
C PRO A 274 -2.61 5.01 -15.72
N VAL A 275 -2.47 6.01 -14.84
CA VAL A 275 -1.16 6.64 -14.63
C VAL A 275 -0.14 5.57 -14.20
N SER A 276 -0.53 4.76 -13.22
CA SER A 276 0.32 3.67 -12.71
C SER A 276 0.65 2.62 -13.78
N ILE A 277 -0.34 2.23 -14.58
CA ILE A 277 -0.08 1.29 -15.67
C ILE A 277 0.90 1.88 -16.67
N ALA A 278 0.72 3.15 -17.02
CA ALA A 278 1.60 3.77 -18.00
C ALA A 278 3.01 3.87 -17.42
N GLU A 279 3.10 4.25 -16.15
CA GLU A 279 4.37 4.31 -15.44
C GLU A 279 5.10 2.97 -15.48
N PHE A 280 4.36 1.87 -15.30
CA PHE A 280 4.97 0.53 -15.33
C PHE A 280 5.43 0.14 -16.73
N ALA A 281 4.64 0.51 -17.74
CA ALA A 281 5.06 0.31 -19.12
C ALA A 281 6.40 1.01 -19.38
N LEU A 282 6.51 2.25 -18.88
CA LEU A 282 7.70 3.05 -19.14
C LEU A 282 8.92 2.41 -18.50
N VAL A 283 8.79 2.03 -17.23
CA VAL A 283 9.93 1.49 -16.51
C VAL A 283 10.27 0.05 -16.95
N SER A 284 9.24 -0.76 -17.20
CA SER A 284 9.46 -2.16 -17.59
C SER A 284 9.88 -2.34 -19.06
N GLY A 285 9.38 -1.48 -19.94
CA GLY A 285 9.61 -1.64 -21.37
C GLY A 285 8.93 -2.86 -21.96
N ILE A 286 8.08 -3.52 -21.17
CA ILE A 286 7.35 -4.72 -21.57
C ILE A 286 6.16 -4.35 -22.46
N GLU A 287 6.09 -4.89 -23.68
CA GLU A 287 5.10 -4.44 -24.66
C GLU A 287 3.62 -4.64 -24.27
N GLU A 288 3.33 -5.76 -23.61
CA GLU A 288 2.00 -6.07 -23.13
C GLU A 288 1.46 -4.92 -22.26
N TYR A 289 2.32 -4.34 -21.44
CA TYR A 289 1.88 -3.28 -20.56
C TYR A 289 1.83 -1.93 -21.23
N GLU A 290 2.60 -1.74 -22.30
CA GLU A 290 2.49 -0.54 -23.13
C GLU A 290 1.12 -0.53 -23.78
N GLN A 291 0.75 -1.69 -24.31
CA GLN A 291 -0.57 -1.91 -24.90
C GLN A 291 -1.69 -1.69 -23.89
N ALA A 293 -1.44 0.08 -21.19
CA ALA A 293 -1.43 1.48 -20.77
C ALA A 293 -2.24 2.26 -21.80
N LYS A 294 -1.94 2.05 -23.06
CA LYS A 294 -2.59 2.80 -24.12
C LYS A 294 -4.09 2.56 -24.10
N GLU A 295 -4.49 1.33 -23.80
CA GLU A 295 -5.91 1.03 -23.78
C GLU A 295 -6.53 1.72 -22.58
N ALA A 296 -5.84 1.68 -21.44
CA ALA A 296 -6.40 2.24 -20.22
C ALA A 296 -6.41 3.78 -20.21
N LEU A 297 -5.52 4.38 -21.00
CA LEU A 297 -5.43 5.82 -21.09
C LEU A 297 -6.42 6.33 -22.12
N GLU A 298 -7.19 5.40 -22.68
CA GLU A 298 -8.23 5.69 -23.68
C GLU A 298 -7.76 6.52 -24.88
N VAL A 299 -6.56 6.23 -25.38
CA VAL A 299 -6.07 6.94 -26.55
C VAL A 299 -6.46 6.24 -27.85
#